data_2XC6
# 
_entry.id   2XC6 
# 
_audit_conform.dict_name       mmcif_pdbx.dic 
_audit_conform.dict_version    5.394 
_audit_conform.dict_location   http://mmcif.pdb.org/dictionaries/ascii/mmcif_pdbx.dic 
# 
loop_
_database_2.database_id 
_database_2.database_code 
_database_2.pdbx_database_accession 
_database_2.pdbx_DOI 
PDB   2XC6         pdb_00002xc6 10.2210/pdb2xc6/pdb 
PDBE  EBI-43667    ?            ?                   
WWPDB D_1290043667 ?            ?                   
# 
loop_
_pdbx_audit_revision_history.ordinal 
_pdbx_audit_revision_history.data_content_type 
_pdbx_audit_revision_history.major_revision 
_pdbx_audit_revision_history.minor_revision 
_pdbx_audit_revision_history.revision_date 
1 'Structure model' 1 0 2011-05-04 
2 'Structure model' 1 1 2011-10-12 
3 'Structure model' 2 0 2022-06-22 
4 'Structure model' 2 1 2024-06-19 
# 
_pdbx_audit_revision_details.ordinal             1 
_pdbx_audit_revision_details.revision_ordinal    1 
_pdbx_audit_revision_details.data_content_type   'Structure model' 
_pdbx_audit_revision_details.provider            repository 
_pdbx_audit_revision_details.type                'Initial release' 
_pdbx_audit_revision_details.description         ? 
_pdbx_audit_revision_details.details             ? 
# 
loop_
_pdbx_audit_revision_group.ordinal 
_pdbx_audit_revision_group.revision_ordinal 
_pdbx_audit_revision_group.data_content_type 
_pdbx_audit_revision_group.group 
1 2 'Structure model' 'Database references'  
2 3 'Structure model' 'Data collection'      
3 3 'Structure model' 'Database references'  
4 3 'Structure model' 'Derived calculations' 
5 3 'Structure model' Other                  
6 3 'Structure model' 'Polymer sequence'     
7 4 'Structure model' 'Data collection'      
# 
loop_
_pdbx_audit_revision_category.ordinal 
_pdbx_audit_revision_category.revision_ordinal 
_pdbx_audit_revision_category.data_content_type 
_pdbx_audit_revision_category.category 
1 3 'Structure model' chem_comp            
2 3 'Structure model' database_2           
3 3 'Structure model' entity_poly          
4 3 'Structure model' pdbx_database_status 
5 3 'Structure model' struct_conn          
6 3 'Structure model' struct_site          
7 4 'Structure model' chem_comp_atom       
8 4 'Structure model' chem_comp_bond       
# 
loop_
_pdbx_audit_revision_item.ordinal 
_pdbx_audit_revision_item.revision_ordinal 
_pdbx_audit_revision_item.data_content_type 
_pdbx_audit_revision_item.item 
1  3 'Structure model' '_chem_comp.mon_nstd_flag'                  
2  3 'Structure model' '_chem_comp.type'                           
3  3 'Structure model' '_database_2.pdbx_DOI'                      
4  3 'Structure model' '_database_2.pdbx_database_accession'       
5  3 'Structure model' '_entity_poly.pdbx_seq_one_letter_code_can' 
6  3 'Structure model' '_pdbx_database_status.status_code_sf'      
7  3 'Structure model' '_struct_conn.pdbx_leaving_atom_flag'       
8  3 'Structure model' '_struct_site.pdbx_auth_asym_id'            
9  3 'Structure model' '_struct_site.pdbx_auth_comp_id'            
10 3 'Structure model' '_struct_site.pdbx_auth_seq_id'             
# 
_pdbx_database_status.status_code                     REL 
_pdbx_database_status.entry_id                        2XC6 
_pdbx_database_status.deposit_site                    PDBE 
_pdbx_database_status.process_site                    PDBE 
_pdbx_database_status.SG_entry                        . 
_pdbx_database_status.recvd_initial_deposition_date   2010-04-16 
_pdbx_database_status.pdb_format_compatible           Y 
_pdbx_database_status.status_code_sf                  REL 
_pdbx_database_status.status_code_mr                  ? 
_pdbx_database_status.status_code_cs                  ? 
_pdbx_database_status.methods_development_category    ? 
_pdbx_database_status.status_code_nmr_data            ? 
# 
loop_
_audit_author.name 
_audit_author.pdbx_ordinal 
'Schlegel, M.K.' 1 
'Essen, L.-O.'   2 
'Meggers, E.'    3 
# 
loop_
_citation.id 
_citation.title 
_citation.journal_abbrev 
_citation.journal_volume 
_citation.page_first 
_citation.page_last 
_citation.year 
_citation.journal_id_ASTM 
_citation.country 
_citation.journal_id_ISSN 
_citation.journal_id_CSD 
_citation.book_publisher 
_citation.pdbx_database_id_PubMed 
_citation.pdbx_database_id_DOI 
primary 'On the Structure and Dynamics of Duplex Gna.'                           J.Org.Chem.           76  7964 ? 2011 JOCEAH US 
0022-3263 0035 ? 21838272 10.1021/JO201469B 
1       'Duplex Structure of a Minimal Nucleic Acid.'                            J.Am.Chem.Soc.        130 8158 ? 2008 JACSAT US 
0002-7863 0004 ? 18529005 10.1021/JA802788G 
2       'Atomic Resolution Duplex Structure of the Simplified Nucleic Acid Gna.' 'Chem.Commun.(Camb.)' 46  1094 ? 2010 ?      UK 
1359-7345 ?    ? 20126724 10.1039/B916851F  
# 
loop_
_citation_author.citation_id 
_citation_author.name 
_citation_author.ordinal 
_citation_author.identifier_ORCID 
primary 'Johnson, A.T.'  1  ? 
primary 'Schlegel, M.K.' 2  ? 
primary 'Meggers, E.'    3  ? 
primary 'Essen, L.O.'    4  ? 
primary 'Wiest, O.'      5  ? 
1       'Schlegel, M.K.' 6  ? 
1       'Essen, L.-O.'   7  ? 
1       'Meggers, E.'    8  ? 
2       'Schlegel, M.K.' 9  ? 
2       'Essen, L.-O.'   10 ? 
2       'Meggers, E.'    11 ? 
# 
loop_
_entity.id 
_entity.type 
_entity.src_method 
_entity.pdbx_description 
_entity.formula_weight 
_entity.pdbx_number_of_molecules 
_entity.pdbx_ec 
_entity.pdbx_mutation 
_entity.pdbx_fragment 
_entity.details 
1 polymer     syn GNA          2155.194 1  ? ? ? 
;SYNTHETIC GLYCOL NUCLEIC ACID 3'-((ZCY)P(ZTH)P(ZCY)P(ZBU)P(ZAD)P(ZGU)P(ZAD)P(ZGU))-2'
;
2 non-polymer syn 'SODIUM ION' 22.990   2  ? ? ? ? 
3 water       nat water        18.015   21 ? ? ? ? 
# 
_entity_poly.entity_id                      1 
_entity_poly.type                           polyribonucleotide 
_entity_poly.nstd_linkage                   no 
_entity_poly.nstd_monomer                   yes 
_entity_poly.pdbx_seq_one_letter_code       '(ZCY)(ZTH)(ZCY)(ZBU)(ZAD)(ZGU)(ZAD)(ZGU)' 
_entity_poly.pdbx_seq_one_letter_code_can   CXCUAGAG 
_entity_poly.pdbx_strand_id                 A 
_entity_poly.pdbx_target_identifier         ? 
# 
loop_
_pdbx_entity_nonpoly.entity_id 
_pdbx_entity_nonpoly.name 
_pdbx_entity_nonpoly.comp_id 
2 'SODIUM ION' NA  
3 water        HOH 
# 
loop_
_entity_poly_seq.entity_id 
_entity_poly_seq.num 
_entity_poly_seq.mon_id 
_entity_poly_seq.hetero 
1 1 ZCY n 
1 2 ZTH n 
1 3 ZCY n 
1 4 ZBU n 
1 5 ZAD n 
1 6 ZGU n 
1 7 ZAD n 
1 8 ZGU n 
# 
_pdbx_entity_src_syn.entity_id              1 
_pdbx_entity_src_syn.pdbx_src_id            1 
_pdbx_entity_src_syn.pdbx_alt_source_flag   sample 
_pdbx_entity_src_syn.pdbx_beg_seq_num       ? 
_pdbx_entity_src_syn.pdbx_end_seq_num       ? 
_pdbx_entity_src_syn.organism_scientific    ? 
_pdbx_entity_src_syn.organism_common_name   ? 
_pdbx_entity_src_syn.ncbi_taxonomy_id       32630 
_pdbx_entity_src_syn.details                ? 
# 
loop_
_chem_comp.id 
_chem_comp.type 
_chem_comp.mon_nstd_flag 
_chem_comp.name 
_chem_comp.pdbx_synonyms 
_chem_comp.formula 
_chem_comp.formula_weight 
HOH non-polymer   . WATER                                           ? 'H2 O'              18.015  
NA  non-polymer   . 'SODIUM ION'                                    ? 'Na 1'              22.990  
ZAD 'RNA linking' n "(S)-1'-(2',3'-DIHYDROXYPROPYL)-ADENINE"        ? 'C8 H12 N5 O5 P'    289.185 
ZBU 'RNA linking' n "(S)-1'-(2',3'-DIHYDROXYPROPYL)-5-BROMO-URACIL" ? 'C7 H10 Br N2 O7 P' 345.041 
ZCY 'RNA linking' n "(S)-1'-(2',3'-DIHYDROXYPROPYL)-CYTOSINE"       ? 'C7 H12 N3 O6 P'    265.160 
ZGU 'RNA linking' n "(S)-1'-(2',3'-DIHYDROXYPROPYL)-GUANINE"        ? 'C8 H12 N5 O6 P'    305.185 
ZTH non-polymer   . "(S)-1'-(2',3'-DIHYDROXYPROPYL)-THYMINE"        ? 'C8 H13 N2 O7 P'    280.172 
# 
loop_
_pdbx_poly_seq_scheme.asym_id 
_pdbx_poly_seq_scheme.entity_id 
_pdbx_poly_seq_scheme.seq_id 
_pdbx_poly_seq_scheme.mon_id 
_pdbx_poly_seq_scheme.ndb_seq_num 
_pdbx_poly_seq_scheme.pdb_seq_num 
_pdbx_poly_seq_scheme.auth_seq_num 
_pdbx_poly_seq_scheme.pdb_mon_id 
_pdbx_poly_seq_scheme.auth_mon_id 
_pdbx_poly_seq_scheme.pdb_strand_id 
_pdbx_poly_seq_scheme.pdb_ins_code 
_pdbx_poly_seq_scheme.hetero 
A 1 1 ZCY 1 1 1 ZCY ZCY A . n 
A 1 2 ZTH 2 2 2 ZTH ZTH A . n 
A 1 3 ZCY 3 3 3 ZCY ZCY A . n 
A 1 4 ZBU 4 4 4 ZBU ZBU A . n 
A 1 5 ZAD 5 5 5 ZAD ZAD A . n 
A 1 6 ZGU 6 6 6 ZGU ZGU A . n 
A 1 7 ZAD 7 7 7 ZAD ZAD A . n 
A 1 8 ZGU 8 8 8 ZGU ZGU A . n 
# 
loop_
_pdbx_nonpoly_scheme.asym_id 
_pdbx_nonpoly_scheme.entity_id 
_pdbx_nonpoly_scheme.mon_id 
_pdbx_nonpoly_scheme.ndb_seq_num 
_pdbx_nonpoly_scheme.pdb_seq_num 
_pdbx_nonpoly_scheme.auth_seq_num 
_pdbx_nonpoly_scheme.pdb_mon_id 
_pdbx_nonpoly_scheme.auth_mon_id 
_pdbx_nonpoly_scheme.pdb_strand_id 
_pdbx_nonpoly_scheme.pdb_ins_code 
B 2 NA  1  1001 1001 NA  NA  A . 
C 2 NA  1  1002 1002 NA  NA  A . 
D 3 HOH 1  2001 2001 HOH HOH A . 
D 3 HOH 2  2002 2002 HOH HOH A . 
D 3 HOH 3  2003 2003 HOH HOH A . 
D 3 HOH 4  2004 2004 HOH HOH A . 
D 3 HOH 5  2005 2005 HOH HOH A . 
D 3 HOH 6  2006 2006 HOH HOH A . 
D 3 HOH 7  2007 2007 HOH HOH A . 
D 3 HOH 8  2008 2008 HOH HOH A . 
D 3 HOH 9  2009 2009 HOH HOH A . 
D 3 HOH 10 2010 2010 HOH HOH A . 
D 3 HOH 11 2011 2011 HOH HOH A . 
D 3 HOH 12 2012 2012 HOH HOH A . 
D 3 HOH 13 2013 2013 HOH HOH A . 
D 3 HOH 14 2014 2014 HOH HOH A . 
D 3 HOH 15 2015 2015 HOH HOH A . 
D 3 HOH 16 2016 2016 HOH HOH A . 
D 3 HOH 17 2017 2017 HOH HOH A . 
D 3 HOH 18 2018 2018 HOH HOH A . 
D 3 HOH 19 2019 2019 HOH HOH A . 
D 3 HOH 20 2020 2020 HOH HOH A . 
D 3 HOH 21 2021 2021 HOH HOH A . 
# 
loop_
_software.name 
_software.classification 
_software.version 
_software.citation_id 
_software.pdbx_ordinal 
REFMAC refinement       5.5.0102 ? 1 
XDS    'data reduction' .        ? 2 
XSCALE 'data scaling'   .        ? 3 
SHELXE phasing          .        ? 4 
# 
_cell.entry_id           2XC6 
_cell.length_a           56.930 
_cell.length_b           56.930 
_cell.length_c           28.970 
_cell.angle_alpha        90.00 
_cell.angle_beta         90.00 
_cell.angle_gamma        90.00 
_cell.Z_PDB              16 
_cell.pdbx_unique_axis   ? 
# 
_symmetry.entry_id                         2XC6 
_symmetry.space_group_name_H-M             'I 41 2 2' 
_symmetry.pdbx_full_space_group_name_H-M   ? 
_symmetry.cell_setting                     ? 
_symmetry.Int_Tables_number                98 
# 
_exptl.entry_id          2XC6 
_exptl.method            'X-RAY DIFFRACTION' 
_exptl.crystals_number   1 
# 
_exptl_crystal.id                    1 
_exptl_crystal.density_meas          ? 
_exptl_crystal.density_Matthews      2.62 
_exptl_crystal.density_percent_sol   56 
_exptl_crystal.description           NONE 
# 
_exptl_crystal_grow.crystal_id      1 
_exptl_crystal_grow.method          ? 
_exptl_crystal_grow.temp            ? 
_exptl_crystal_grow.temp_details    ? 
_exptl_crystal_grow.pH              5.5 
_exptl_crystal_grow.pdbx_pH_range   ? 
_exptl_crystal_grow.pdbx_details    '10 % MPD, 40 MM SODIUM CACODYLATE, PH 5.5, 20 MM COBALT HEXAMINE, 40 MM LICL, 20 MM MGCL2' 
# 
_diffrn.id                     1 
_diffrn.ambient_temp           100 
_diffrn.ambient_temp_details   ? 
_diffrn.crystal_id             1 
# 
_diffrn_detector.diffrn_id              1 
_diffrn_detector.detector               CCD 
_diffrn_detector.type                   'ADSC CCD' 
_diffrn_detector.pdbx_collection_date   2007-11-24 
_diffrn_detector.details                MIRRORS 
# 
_diffrn_radiation.diffrn_id                        1 
_diffrn_radiation.wavelength_id                    1 
_diffrn_radiation.pdbx_monochromatic_or_laue_m_l   M 
_diffrn_radiation.monochromator                    ? 
_diffrn_radiation.pdbx_diffrn_protocol             MAD 
_diffrn_radiation.pdbx_scattering_type             x-ray 
# 
_diffrn_radiation_wavelength.id           1 
_diffrn_radiation_wavelength.wavelength   0.91985 
_diffrn_radiation_wavelength.wt           1.0 
# 
_diffrn_source.diffrn_id                   1 
_diffrn_source.source                      SYNCHROTRON 
_diffrn_source.type                        'ESRF BEAMLINE ID23-1' 
_diffrn_source.pdbx_synchrotron_site       ESRF 
_diffrn_source.pdbx_synchrotron_beamline   ID23-1 
_diffrn_source.pdbx_wavelength             0.91985 
_diffrn_source.pdbx_wavelength_list        ? 
# 
_reflns.pdbx_diffrn_id               1 
_reflns.pdbx_ordinal                 1 
_reflns.entry_id                     2XC6 
_reflns.observed_criterion_sigma_I   -3.0 
_reflns.observed_criterion_sigma_F   ? 
_reflns.d_resolution_low             15.88 
_reflns.d_resolution_high            1.83 
_reflns.number_obs                   2242 
_reflns.number_all                   ? 
_reflns.percent_possible_obs         99.0 
_reflns.pdbx_Rmerge_I_obs            0.05 
_reflns.pdbx_Rsym_value              ? 
_reflns.pdbx_netI_over_sigmaI        32.20 
_reflns.B_iso_Wilson_estimate        34.172 
_reflns.pdbx_redundancy              17.4 
# 
_reflns_shell.pdbx_diffrn_id         1 
_reflns_shell.pdbx_ordinal           1 
_reflns_shell.d_res_high             1.83 
_reflns_shell.d_res_low              1.93 
_reflns_shell.percent_possible_all   98.3 
_reflns_shell.Rmerge_I_obs           0.57 
_reflns_shell.pdbx_Rsym_value        ? 
_reflns_shell.meanI_over_sigI_obs    8.90 
_reflns_shell.pdbx_redundancy        17.9 
# 
_refine.pdbx_refine_id                           'X-RAY DIFFRACTION' 
_refine.entry_id                                 2XC6 
_refine.pdbx_diffrn_id                           1 
_refine.pdbx_TLS_residual_ADP_flag               ? 
_refine.ls_number_reflns_obs                     2068 
_refine.ls_number_reflns_all                     ? 
_refine.pdbx_ls_sigma_I                          ? 
_refine.pdbx_ls_sigma_F                          ? 
_refine.pdbx_data_cutoff_high_absF               ? 
_refine.pdbx_data_cutoff_low_absF                ? 
_refine.pdbx_data_cutoff_high_rms_absF           ? 
_refine.ls_d_res_low                             8.00 
_refine.ls_d_res_high                            1.83 
_refine.ls_percent_reflns_obs                    99.55 
_refine.ls_R_factor_obs                          0.23697 
_refine.ls_R_factor_all                          ? 
_refine.ls_R_factor_R_work                       0.23447 
_refine.ls_R_factor_R_free                       0.27060 
_refine.ls_R_factor_R_free_error                 ? 
_refine.ls_R_factor_R_free_error_details         ? 
_refine.ls_percent_reflns_R_free                 7.0 
_refine.ls_number_reflns_R_free                  155 
_refine.ls_number_parameters                     ? 
_refine.ls_number_restraints                     ? 
_refine.occupancy_min                            ? 
_refine.occupancy_max                            ? 
_refine.correlation_coeff_Fo_to_Fc               0.948 
_refine.correlation_coeff_Fo_to_Fc_free          0.921 
_refine.B_iso_mean                               26.623 
_refine.aniso_B[1][1]                            1.03 
_refine.aniso_B[2][2]                            1.03 
_refine.aniso_B[3][3]                            -2.05 
_refine.aniso_B[1][2]                            0.00 
_refine.aniso_B[1][3]                            0.00 
_refine.aniso_B[2][3]                            0.00 
_refine.solvent_model_details                    'BABINET MODEL WITH MASK' 
_refine.solvent_model_param_ksol                 ? 
_refine.solvent_model_param_bsol                 ? 
_refine.pdbx_solvent_vdw_probe_radii             1.20 
_refine.pdbx_solvent_ion_probe_radii             0.80 
_refine.pdbx_solvent_shrinkage_radii             0.80 
_refine.pdbx_ls_cross_valid_method               THROUGHOUT 
_refine.details                                  
;HYDROGENS HAVE BEEN ADDED IN THE RIDING POSITIONS. GNA DUPLEX OF TYPE N FORMED WITH SYMMETRY-EQUIVALENT MOLECULE, 3'TERMINAL CYTOSINE NUCLEOTIDE AND 5-BROMO ATOM AT U4 ONLY PARTIAL OCCUPANCY.
;
_refine.pdbx_starting_model                      NONE 
_refine.pdbx_method_to_determine_struct          MAD 
_refine.pdbx_isotropic_thermal_model             ? 
_refine.pdbx_stereochemistry_target_values       'MAXIMUM LIKELIHOOD' 
_refine.pdbx_stereochem_target_val_spec_case     ? 
_refine.pdbx_R_Free_selection_details            RANDOM 
_refine.pdbx_overall_ESU_R                       0.147 
_refine.pdbx_overall_ESU_R_Free                  0.141 
_refine.overall_SU_ML                            0.066 
_refine.pdbx_overall_phase_error                 ? 
_refine.overall_SU_B                             4.649 
_refine.overall_SU_R_Cruickshank_DPI             ? 
_refine.pdbx_overall_SU_R_free_Cruickshank_DPI   ? 
_refine.pdbx_overall_SU_R_Blow_DPI               ? 
_refine.pdbx_overall_SU_R_free_Blow_DPI          ? 
# 
_refine_hist.pdbx_refine_id                   'X-RAY DIFFRACTION' 
_refine_hist.cycle_id                         LAST 
_refine_hist.pdbx_number_atoms_protein        0 
_refine_hist.pdbx_number_atoms_nucleic_acid   137 
_refine_hist.pdbx_number_atoms_ligand         2 
_refine_hist.number_atoms_solvent             21 
_refine_hist.number_atoms_total               160 
_refine_hist.d_res_high                       1.83 
_refine_hist.d_res_low                        8.00 
# 
loop_
_refine_ls_restr.type 
_refine_ls_restr.dev_ideal 
_refine_ls_restr.dev_ideal_target 
_refine_ls_restr.weight 
_refine_ls_restr.number 
_refine_ls_restr.pdbx_refine_id 
_refine_ls_restr.pdbx_restraint_function 
r_bond_refined_d             0.011 0.021 ? 169 'X-RAY DIFFRACTION' ? 
r_bond_other_d               0.002 0.020 ? 68  'X-RAY DIFFRACTION' ? 
r_angle_refined_deg          1.715 3.000 ? 213 'X-RAY DIFFRACTION' ? 
r_angle_other_deg            0.631 3.000 ? 154 'X-RAY DIFFRACTION' ? 
r_dihedral_angle_1_deg       ?     ?     ? ?   'X-RAY DIFFRACTION' ? 
r_dihedral_angle_2_deg       ?     ?     ? ?   'X-RAY DIFFRACTION' ? 
r_dihedral_angle_3_deg       ?     ?     ? ?   'X-RAY DIFFRACTION' ? 
r_dihedral_angle_4_deg       ?     ?     ? ?   'X-RAY DIFFRACTION' ? 
r_chiral_restr               0.045 0.200 ? 8   'X-RAY DIFFRACTION' ? 
r_gen_planes_refined         0.007 0.020 ? 84  'X-RAY DIFFRACTION' ? 
r_gen_planes_other           0.000 0.020 ? 28  'X-RAY DIFFRACTION' ? 
r_nbd_refined                ?     ?     ? ?   'X-RAY DIFFRACTION' ? 
r_nbd_other                  ?     ?     ? ?   'X-RAY DIFFRACTION' ? 
r_nbtor_refined              ?     ?     ? ?   'X-RAY DIFFRACTION' ? 
r_nbtor_other                ?     ?     ? ?   'X-RAY DIFFRACTION' ? 
r_xyhbond_nbd_refined        ?     ?     ? ?   'X-RAY DIFFRACTION' ? 
r_xyhbond_nbd_other          ?     ?     ? ?   'X-RAY DIFFRACTION' ? 
r_metal_ion_refined          ?     ?     ? ?   'X-RAY DIFFRACTION' ? 
r_metal_ion_other            ?     ?     ? ?   'X-RAY DIFFRACTION' ? 
r_symmetry_vdw_refined       ?     ?     ? ?   'X-RAY DIFFRACTION' ? 
r_symmetry_vdw_other         ?     ?     ? ?   'X-RAY DIFFRACTION' ? 
r_symmetry_hbond_refined     ?     ?     ? ?   'X-RAY DIFFRACTION' ? 
r_symmetry_hbond_other       ?     ?     ? ?   'X-RAY DIFFRACTION' ? 
r_symmetry_metal_ion_refined ?     ?     ? ?   'X-RAY DIFFRACTION' ? 
r_symmetry_metal_ion_other   ?     ?     ? ?   'X-RAY DIFFRACTION' ? 
r_mcbond_it                  ?     ?     ? ?   'X-RAY DIFFRACTION' ? 
r_mcbond_other               ?     ?     ? ?   'X-RAY DIFFRACTION' ? 
r_mcangle_it                 ?     ?     ? ?   'X-RAY DIFFRACTION' ? 
r_mcangle_other              ?     ?     ? ?   'X-RAY DIFFRACTION' ? 
r_scbond_it                  2.064 3.000 ? 148 'X-RAY DIFFRACTION' ? 
r_scbond_other               ?     ?     ? ?   'X-RAY DIFFRACTION' ? 
r_scangle_it                 2.951 4.500 ? 206 'X-RAY DIFFRACTION' ? 
r_scangle_other              ?     ?     ? ?   'X-RAY DIFFRACTION' ? 
r_long_range_B_refined       ?     ?     ? ?   'X-RAY DIFFRACTION' ? 
r_long_range_B_other         ?     ?     ? ?   'X-RAY DIFFRACTION' ? 
r_rigid_bond_restr           ?     ?     ? ?   'X-RAY DIFFRACTION' ? 
r_sphericity_free            ?     ?     ? ?   'X-RAY DIFFRACTION' ? 
r_sphericity_bonded          ?     ?     ? ?   'X-RAY DIFFRACTION' ? 
# 
_refine_ls_shell.pdbx_refine_id                   'X-RAY DIFFRACTION' 
_refine_ls_shell.pdbx_total_number_of_bins_used   20 
_refine_ls_shell.d_res_high                       1.832 
_refine_ls_shell.d_res_low                        1.877 
_refine_ls_shell.number_reflns_R_work             138 
_refine_ls_shell.R_factor_R_work                  0.268 
_refine_ls_shell.percent_reflns_obs               96.75 
_refine_ls_shell.R_factor_R_free                  0.268 
_refine_ls_shell.R_factor_R_free_error            ? 
_refine_ls_shell.percent_reflns_R_free            ? 
_refine_ls_shell.number_reflns_R_free             11 
_refine_ls_shell.number_reflns_all                ? 
_refine_ls_shell.R_factor_all                     ? 
# 
_struct.entry_id                  2XC6 
_struct.title                     
;Crystal structure of the GNA 3'-CTC(Br)UAGAG-2'
;
_struct.pdbx_model_details        ? 
_struct.pdbx_CASP_flag            ? 
_struct.pdbx_model_type_details   ? 
# 
_struct_keywords.entry_id        2XC6 
_struct_keywords.pdbx_keywords   RNA 
_struct_keywords.text            'RNA, WATSON-CRICK BASE PAIR, GLYCOL NUCLEIC ACID' 
# 
loop_
_struct_asym.id 
_struct_asym.pdbx_blank_PDB_chainid_flag 
_struct_asym.pdbx_modified 
_struct_asym.entity_id 
_struct_asym.details 
A N N 1 ? 
B N N 2 ? 
C N N 2 ? 
D N N 3 ? 
# 
_struct_ref.id                         1 
_struct_ref.db_name                    PDB 
_struct_ref.db_code                    2XC6 
_struct_ref.entity_id                  1 
_struct_ref.pdbx_seq_one_letter_code   ? 
_struct_ref.pdbx_align_begin           ? 
_struct_ref.pdbx_db_accession          2XC6 
_struct_ref.pdbx_db_isoform            ? 
# 
_struct_ref_seq.align_id                      1 
_struct_ref_seq.ref_id                        1 
_struct_ref_seq.pdbx_PDB_id_code              2XC6 
_struct_ref_seq.pdbx_strand_id                A 
_struct_ref_seq.seq_align_beg                 1 
_struct_ref_seq.pdbx_seq_align_beg_ins_code   ? 
_struct_ref_seq.seq_align_end                 8 
_struct_ref_seq.pdbx_seq_align_end_ins_code   ? 
_struct_ref_seq.pdbx_db_accession             2XC6 
_struct_ref_seq.db_align_beg                  1 
_struct_ref_seq.pdbx_db_align_beg_ins_code    ? 
_struct_ref_seq.db_align_end                  8 
_struct_ref_seq.pdbx_db_align_end_ins_code    ? 
_struct_ref_seq.pdbx_auth_seq_align_beg       1 
_struct_ref_seq.pdbx_auth_seq_align_end       8 
# 
_pdbx_struct_assembly.id                   1 
_pdbx_struct_assembly.details              author_defined_assembly 
_pdbx_struct_assembly.method_details       ? 
_pdbx_struct_assembly.oligomeric_details   dimeric 
_pdbx_struct_assembly.oligomeric_count     2 
# 
_pdbx_struct_assembly_gen.assembly_id       1 
_pdbx_struct_assembly_gen.oper_expression   1,2 
_pdbx_struct_assembly_gen.asym_id_list      A,B,C,D 
# 
loop_
_pdbx_struct_oper_list.id 
_pdbx_struct_oper_list.type 
_pdbx_struct_oper_list.name 
_pdbx_struct_oper_list.symmetry_operation 
_pdbx_struct_oper_list.matrix[1][1] 
_pdbx_struct_oper_list.matrix[1][2] 
_pdbx_struct_oper_list.matrix[1][3] 
_pdbx_struct_oper_list.vector[1] 
_pdbx_struct_oper_list.matrix[2][1] 
_pdbx_struct_oper_list.matrix[2][2] 
_pdbx_struct_oper_list.matrix[2][3] 
_pdbx_struct_oper_list.vector[2] 
_pdbx_struct_oper_list.matrix[3][1] 
_pdbx_struct_oper_list.matrix[3][2] 
_pdbx_struct_oper_list.matrix[3][3] 
_pdbx_struct_oper_list.vector[3] 
1 'identity operation'         1_555  x,y,z    1.0000000000  0.0000000000 0.0000000000  0.0000000000 0.0000000000 1.0000000000  0.0000000000  0.0000000000 0.0000000000  0.0000000000  1.0000000000 0.0000000000 
2 'crystal symmetry operation' 15_554 y,x,-z-1 -0.0198374288 0.0865054190 -0.9960538584 1.0241315477 0.0865054190 -0.9923653609 -0.0879079235 4.2188079580 -0.9960538584 -0.0879079235 0.0122027897 1.3741879009 
# 
_struct_biol.id   1 
# 
loop_
_struct_conn.id 
_struct_conn.conn_type_id 
_struct_conn.pdbx_leaving_atom_flag 
_struct_conn.pdbx_PDB_id 
_struct_conn.ptnr1_label_asym_id 
_struct_conn.ptnr1_label_comp_id 
_struct_conn.ptnr1_label_seq_id 
_struct_conn.ptnr1_label_atom_id 
_struct_conn.pdbx_ptnr1_label_alt_id 
_struct_conn.pdbx_ptnr1_PDB_ins_code 
_struct_conn.pdbx_ptnr1_standard_comp_id 
_struct_conn.ptnr1_symmetry 
_struct_conn.ptnr2_label_asym_id 
_struct_conn.ptnr2_label_comp_id 
_struct_conn.ptnr2_label_seq_id 
_struct_conn.ptnr2_label_atom_id 
_struct_conn.pdbx_ptnr2_label_alt_id 
_struct_conn.pdbx_ptnr2_PDB_ins_code 
_struct_conn.ptnr1_auth_asym_id 
_struct_conn.ptnr1_auth_comp_id 
_struct_conn.ptnr1_auth_seq_id 
_struct_conn.ptnr2_auth_asym_id 
_struct_conn.ptnr2_auth_comp_id 
_struct_conn.ptnr2_auth_seq_id 
_struct_conn.ptnr2_symmetry 
_struct_conn.pdbx_ptnr3_label_atom_id 
_struct_conn.pdbx_ptnr3_label_seq_id 
_struct_conn.pdbx_ptnr3_label_comp_id 
_struct_conn.pdbx_ptnr3_label_asym_id 
_struct_conn.pdbx_ptnr3_label_alt_id 
_struct_conn.pdbx_ptnr3_PDB_ins_code 
_struct_conn.details 
_struct_conn.pdbx_dist_value 
_struct_conn.pdbx_value_order 
_struct_conn.pdbx_role 
covale1  covale one ? A ZCY 1 O2G ? ? ? 1_555 A ZTH 2 P  ? ? A ZCY 1 A ZTH 2 1_555  ? ? ? ? ? ? ?            1.596 ? ? 
covale2  covale one ? A ZTH 2 O2G ? ? ? 1_555 A ZCY 3 P  ? ? A ZTH 2 A ZCY 3 1_555  ? ? ? ? ? ? ?            1.580 ? ? 
covale3  covale one ? A ZCY 3 O2G ? ? ? 1_555 A ZBU 4 P  ? ? A ZCY 3 A ZBU 4 1_555  ? ? ? ? ? ? ?            1.585 ? ? 
covale4  covale one ? A ZBU 4 O2G ? ? ? 1_555 A ZAD 5 P  ? ? A ZBU 4 A ZAD 5 1_555  ? ? ? ? ? ? ?            1.602 ? ? 
covale5  covale one ? A ZAD 5 O2G ? ? ? 1_555 A ZGU 6 P  ? ? A ZAD 5 A ZGU 6 1_555  ? ? ? ? ? ? ?            1.598 ? ? 
covale6  covale one ? A ZGU 6 O2G ? ? ? 1_555 A ZAD 7 P  ? ? A ZGU 6 A ZAD 7 1_555  ? ? ? ? ? ? ?            1.584 ? ? 
covale7  covale one ? A ZAD 7 O2G ? ? ? 1_555 A ZGU 8 P  ? ? A ZAD 7 A ZGU 8 1_555  ? ? ? ? ? ? ?            1.598 ? ? 
hydrog1  hydrog ?   ? A ZCY 1 N3  ? ? ? 1_555 A ZGU 8 N1 ? ? A ZCY 1 A ZGU 8 15_554 ? ? ? ? ? ? WATSON-CRICK ?     ? ? 
hydrog2  hydrog ?   ? A ZCY 1 N4  ? ? ? 1_555 A ZGU 8 O6 ? ? A ZCY 1 A ZGU 8 15_554 ? ? ? ? ? ? WATSON-CRICK ?     ? ? 
hydrog3  hydrog ?   ? A ZCY 1 O2  ? ? ? 1_555 A ZGU 8 N2 ? ? A ZCY 1 A ZGU 8 15_554 ? ? ? ? ? ? WATSON-CRICK ?     ? ? 
hydrog4  hydrog ?   ? A ZTH 2 N3  ? ? ? 1_555 A ZAD 7 N1 ? ? A ZTH 2 A ZAD 7 15_554 ? ? ? ? ? ? WATSON-CRICK ?     ? ? 
hydrog5  hydrog ?   ? A ZTH 2 O4  ? ? ? 1_555 A ZAD 7 N6 ? ? A ZTH 2 A ZAD 7 15_554 ? ? ? ? ? ? WATSON-CRICK ?     ? ? 
hydrog6  hydrog ?   ? A ZCY 3 N3  ? ? ? 1_555 A ZGU 6 N1 ? ? A ZCY 3 A ZGU 6 15_554 ? ? ? ? ? ? WATSON-CRICK ?     ? ? 
hydrog7  hydrog ?   ? A ZCY 3 N4  ? ? ? 1_555 A ZGU 6 O6 ? ? A ZCY 3 A ZGU 6 15_554 ? ? ? ? ? ? WATSON-CRICK ?     ? ? 
hydrog8  hydrog ?   ? A ZCY 3 O2  ? ? ? 1_555 A ZGU 6 N2 ? ? A ZCY 3 A ZGU 6 15_554 ? ? ? ? ? ? WATSON-CRICK ?     ? ? 
hydrog9  hydrog ?   ? A ZBU 4 N3  ? ? ? 1_555 A ZAD 5 N1 ? ? A ZBU 4 A ZAD 5 15_554 ? ? ? ? ? ? WATSON-CRICK ?     ? ? 
hydrog10 hydrog ?   ? A ZBU 4 O4  ? ? ? 1_555 A ZAD 5 N6 ? ? A ZBU 4 A ZAD 5 15_554 ? ? ? ? ? ? WATSON-CRICK ?     ? ? 
hydrog11 hydrog ?   ? A ZAD 5 N1  ? ? ? 1_555 A ZBU 4 N3 ? ? A ZAD 5 A ZBU 4 15_554 ? ? ? ? ? ? WATSON-CRICK ?     ? ? 
hydrog12 hydrog ?   ? A ZAD 5 N6  ? ? ? 1_555 A ZBU 4 O4 ? ? A ZAD 5 A ZBU 4 15_554 ? ? ? ? ? ? WATSON-CRICK ?     ? ? 
hydrog13 hydrog ?   ? A ZGU 6 N1  ? ? ? 1_555 A ZCY 3 N3 ? ? A ZGU 6 A ZCY 3 15_554 ? ? ? ? ? ? WATSON-CRICK ?     ? ? 
hydrog14 hydrog ?   ? A ZGU 6 N2  ? ? ? 1_555 A ZCY 3 O2 ? ? A ZGU 6 A ZCY 3 15_554 ? ? ? ? ? ? WATSON-CRICK ?     ? ? 
hydrog15 hydrog ?   ? A ZGU 6 O6  ? ? ? 1_555 A ZCY 3 N4 ? ? A ZGU 6 A ZCY 3 15_554 ? ? ? ? ? ? WATSON-CRICK ?     ? ? 
hydrog16 hydrog ?   ? A ZAD 7 N1  ? ? ? 1_555 A ZTH 2 N3 ? ? A ZAD 7 A ZTH 2 15_554 ? ? ? ? ? ? WATSON-CRICK ?     ? ? 
hydrog17 hydrog ?   ? A ZAD 7 N6  ? ? ? 1_555 A ZTH 2 O4 ? ? A ZAD 7 A ZTH 2 15_554 ? ? ? ? ? ? WATSON-CRICK ?     ? ? 
hydrog18 hydrog ?   ? A ZGU 8 N1  ? ? ? 1_555 A ZCY 1 N3 ? ? A ZGU 8 A ZCY 1 15_554 ? ? ? ? ? ? WATSON-CRICK ?     ? ? 
hydrog19 hydrog ?   ? A ZGU 8 N2  ? ? ? 1_555 A ZCY 1 O2 ? ? A ZGU 8 A ZCY 1 15_554 ? ? ? ? ? ? WATSON-CRICK ?     ? ? 
hydrog20 hydrog ?   ? A ZGU 8 O6  ? ? ? 1_555 A ZCY 1 N4 ? ? A ZGU 8 A ZCY 1 15_554 ? ? ? ? ? ? WATSON-CRICK ?     ? ? 
# 
loop_
_struct_conn_type.id 
_struct_conn_type.criteria 
_struct_conn_type.reference 
covale ? ? 
hydrog ? ? 
# 
_struct_site.id                   AC1 
_struct_site.pdbx_evidence_code   Software 
_struct_site.pdbx_auth_asym_id    A 
_struct_site.pdbx_auth_comp_id    NA 
_struct_site.pdbx_auth_seq_id     1002 
_struct_site.pdbx_auth_ins_code   ? 
_struct_site.pdbx_num_residues    2 
_struct_site.details              'BINDING SITE FOR RESIDUE NA A 1002' 
# 
loop_
_struct_site_gen.id 
_struct_site_gen.site_id 
_struct_site_gen.pdbx_num_res 
_struct_site_gen.label_comp_id 
_struct_site_gen.label_asym_id 
_struct_site_gen.label_seq_id 
_struct_site_gen.pdbx_auth_ins_code 
_struct_site_gen.auth_comp_id 
_struct_site_gen.auth_asym_id 
_struct_site_gen.auth_seq_id 
_struct_site_gen.label_atom_id 
_struct_site_gen.label_alt_id 
_struct_site_gen.symmetry 
_struct_site_gen.details 
1 AC1 2 ZBU A 4 ? ZBU A 4 . ? 6_554 ? 
2 AC1 2 ZBU A 4 ? ZBU A 4 . ? 1_555 ? 
# 
loop_
_pdbx_struct_mod_residue.id 
_pdbx_struct_mod_residue.label_asym_id 
_pdbx_struct_mod_residue.label_comp_id 
_pdbx_struct_mod_residue.label_seq_id 
_pdbx_struct_mod_residue.auth_asym_id 
_pdbx_struct_mod_residue.auth_comp_id 
_pdbx_struct_mod_residue.auth_seq_id 
_pdbx_struct_mod_residue.PDB_ins_code 
_pdbx_struct_mod_residue.parent_comp_id 
_pdbx_struct_mod_residue.details 
1 A ZCY 1 A ZCY 1 ? C "(S)-1'-(2',3'-DIHYDROXYPROPYL)-CYTOSINE" 
2 A ZTH 2 A ZTH 2 ? T "(S)-1'-(2',3'-DIHYDROXYPROPYL)-THYMINE"  
3 A ZCY 3 A ZCY 3 ? C "(S)-1'-(2',3'-DIHYDROXYPROPYL)-CYTOSINE" 
4 A ZBU 4 A ZBU 4 ? U ?                                         
5 A ZAD 5 A ZAD 5 ? A "(S)-1'-(2',3'-DIHYDROXYPROPYL)-ADENINE"  
6 A ZGU 6 A ZGU 6 ? G "(S)-1'-(2',3'-DIHYDROXYPROPYL)-GUANINE"  
7 A ZAD 7 A ZAD 7 ? A "(S)-1'-(2',3'-DIHYDROXYPROPYL)-ADENINE"  
8 A ZGU 8 A ZGU 8 ? G "(S)-1'-(2',3'-DIHYDROXYPROPYL)-GUANINE"  
# 
_pdbx_refine_tls.pdbx_refine_id   'X-RAY DIFFRACTION' 
_pdbx_refine_tls.id               1 
_pdbx_refine_tls.details          ? 
_pdbx_refine_tls.method           refined 
_pdbx_refine_tls.origin_x         -0.1370 
_pdbx_refine_tls.origin_y         -0.1460 
_pdbx_refine_tls.origin_z         0.0454 
_pdbx_refine_tls.T[1][1]          0.1026 
_pdbx_refine_tls.T[2][2]          0.0753 
_pdbx_refine_tls.T[3][3]          0.1011 
_pdbx_refine_tls.T[1][2]          -0.0407 
_pdbx_refine_tls.T[1][3]          0.0821 
_pdbx_refine_tls.T[2][3]          -0.0094 
_pdbx_refine_tls.L[1][1]          2.8863 
_pdbx_refine_tls.L[2][2]          1.0361 
_pdbx_refine_tls.L[3][3]          4.7457 
_pdbx_refine_tls.L[1][2]          0.7492 
_pdbx_refine_tls.L[1][3]          1.2778 
_pdbx_refine_tls.L[2][3]          1.7370 
_pdbx_refine_tls.S[1][1]          -0.2340 
_pdbx_refine_tls.S[1][2]          0.2343 
_pdbx_refine_tls.S[1][3]          -0.0830 
_pdbx_refine_tls.S[2][1]          -0.5454 
_pdbx_refine_tls.S[2][2]          0.5168 
_pdbx_refine_tls.S[2][3]          -0.4802 
_pdbx_refine_tls.S[3][1]          -0.0159 
_pdbx_refine_tls.S[3][2]          0.2087 
_pdbx_refine_tls.S[3][3]          -0.2828 
# 
_pdbx_refine_tls_group.pdbx_refine_id      'X-RAY DIFFRACTION' 
_pdbx_refine_tls_group.id                  1 
_pdbx_refine_tls_group.refine_tls_id       1 
_pdbx_refine_tls_group.beg_auth_asym_id    A 
_pdbx_refine_tls_group.beg_auth_seq_id     1 
_pdbx_refine_tls_group.beg_label_asym_id   ? 
_pdbx_refine_tls_group.beg_label_seq_id    ? 
_pdbx_refine_tls_group.end_auth_asym_id    A 
_pdbx_refine_tls_group.end_auth_seq_id     8 
_pdbx_refine_tls_group.end_label_asym_id   ? 
_pdbx_refine_tls_group.end_label_seq_id    ? 
_pdbx_refine_tls_group.selection           ? 
_pdbx_refine_tls_group.selection_details   ? 
# 
_pdbx_entry_details.entry_id                 2XC6 
_pdbx_entry_details.compound_details         ? 
_pdbx_entry_details.source_details           ? 
_pdbx_entry_details.nonpolymer_details       ? 
_pdbx_entry_details.sequence_details         
;URACIL U4 IS BROMINATED AT C5 FOR MAD ANALYSIS AT BROMINE
EDGE
;
_pdbx_entry_details.has_ligand_of_interest   ? 
# 
loop_
_chem_comp_atom.comp_id 
_chem_comp_atom.atom_id 
_chem_comp_atom.type_symbol 
_chem_comp_atom.pdbx_aromatic_flag 
_chem_comp_atom.pdbx_stereo_config 
_chem_comp_atom.pdbx_ordinal 
HOH O    O  N N 1   
HOH H1   H  N N 2   
HOH H2   H  N N 3   
NA  NA   NA N N 4   
ZAD O2P  O  N N 5   
ZAD P    P  N N 6   
ZAD O1P  O  N N 7   
ZAD O3G  O  N N 8   
ZAD C3G  C  N N 9   
ZAD C2G  C  N S 10  
ZAD O2G  O  N N 11  
ZAD C1G  C  N N 12  
ZAD N9   N  Y N 13  
ZAD C4   C  Y N 14  
ZAD N3   N  Y N 15  
ZAD C2   C  Y N 16  
ZAD N1   N  Y N 17  
ZAD C6   C  Y N 18  
ZAD N6   N  N N 19  
ZAD C5   C  Y N 20  
ZAD N7   N  Y N 21  
ZAD C8   C  Y N 22  
ZAD OXT  O  N N 23  
ZAD H2P  H  N N 24  
ZAD HOT  H  N N 25  
ZAD H3G1 H  N N 26  
ZAD H3G2 H  N N 27  
ZAD H2G  H  N N 28  
ZAD HA   H  N N 29  
ZAD H1G1 H  N N 30  
ZAD H1G2 H  N N 31  
ZAD H8   H  N N 32  
ZAD H2   H  N N 33  
ZAD H6N1 H  N N 34  
ZAD H6N2 H  N N 35  
ZBU O1P  O  N N 36  
ZBU P    P  N N 37  
ZBU O2P  O  N N 38  
ZBU O3G  O  N N 39  
ZBU C3G  C  N N 40  
ZBU C2G  C  N S 41  
ZBU O2G  O  N N 42  
ZBU C1G  C  N N 43  
ZBU N1   N  N N 44  
ZBU C2   C  N N 45  
ZBU O2   O  N N 46  
ZBU N3   N  N N 47  
ZBU C6   C  N N 48  
ZBU C5   C  N N 49  
ZBU BR5  BR N N 50  
ZBU C4   C  N N 51  
ZBU O4   O  N N 52  
ZBU O3P  O  N N 53  
ZBU H1P  H  N N 54  
ZBU H3P  H  N N 55  
ZBU H3G1 H  N N 56  
ZBU H3G2 H  N N 57  
ZBU H2G  H  N N 58  
ZBU HA   H  N N 59  
ZBU H1G1 H  N N 60  
ZBU H1G2 H  N N 61  
ZBU H6   H  N N 62  
ZBU H3   H  N N 63  
ZCY O2   O  N N 64  
ZCY C2   C  N N 65  
ZCY N3   N  N N 66  
ZCY C4   C  N N 67  
ZCY N4   N  N N 68  
ZCY C5   C  N N 69  
ZCY C6   C  N N 70  
ZCY N1   N  N N 71  
ZCY C1G  C  N N 72  
ZCY C2G  C  N S 73  
ZCY O2G  O  N N 74  
ZCY C3G  C  N N 75  
ZCY O3G  O  N N 76  
ZCY P    P  N N 77  
ZCY O2P  O  N N 78  
ZCY O1P  O  N N 79  
ZCY OXT  O  N N 80  
ZCY H4N1 H  N N 81  
ZCY H4N2 H  N N 82  
ZCY H5   H  N N 83  
ZCY H6   H  N N 84  
ZCY H1G1 H  N N 85  
ZCY H1G2 H  N N 86  
ZCY H2G  H  N N 87  
ZCY H3G1 H  N N 88  
ZCY H3G2 H  N N 89  
ZCY H2P  H  N N 90  
ZCY H2   H  N N 91  
ZCY HXT  H  N N 92  
ZGU P    P  N N 93  
ZGU O1P  O  N N 94  
ZGU O2P  O  N N 95  
ZGU O3G  O  N N 96  
ZGU C3G  C  N N 97  
ZGU C2G  C  N S 98  
ZGU O2G  O  N N 99  
ZGU C1G  C  N N 100 
ZGU N9   N  Y N 101 
ZGU C8   C  Y N 102 
ZGU N7   N  Y N 103 
ZGU C4   C  Y N 104 
ZGU C5   C  Y N 105 
ZGU N3   N  N N 106 
ZGU C2   C  N N 107 
ZGU N2   N  N N 108 
ZGU N1   N  N N 109 
ZGU C6   C  N N 110 
ZGU O6   O  N N 111 
ZGU OXT  O  N N 112 
ZGU H1P  H  N N 113 
ZGU HOT  H  N N 114 
ZGU H3G1 H  N N 115 
ZGU H3G2 H  N N 116 
ZGU H2G  H  N N 117 
ZGU HA   H  N N 118 
ZGU H1G1 H  N N 119 
ZGU H1G2 H  N N 120 
ZGU H8   H  N N 121 
ZGU H2N1 H  N N 122 
ZGU H2N2 H  N N 123 
ZGU H1   H  N N 124 
ZTH O4   O  N N 125 
ZTH C4   C  N N 126 
ZTH N3   N  N N 127 
ZTH C2   C  N N 128 
ZTH O2   O  N N 129 
ZTH C5   C  N N 130 
ZTH C5M  C  N N 131 
ZTH C6   C  N N 132 
ZTH N1   N  N N 133 
ZTH C1G  C  N N 134 
ZTH C2G  C  N S 135 
ZTH O2G  O  N N 136 
ZTH C3G  C  N N 137 
ZTH O3G  O  N N 138 
ZTH P    P  N N 139 
ZTH O1P  O  N N 140 
ZTH O2P  O  N N 141 
ZTH H3   H  N N 142 
ZTH H5M1 H  N N 143 
ZTH H5M2 H  N N 144 
ZTH H5M3 H  N N 145 
ZTH H6   H  N N 146 
ZTH H1G1 H  N N 147 
ZTH H1G2 H  N N 148 
ZTH H2G  H  N N 149 
ZTH H3G1 H  N N 150 
ZTH H3G2 H  N N 151 
ZTH H1P  H  N N 152 
ZTH OXT  O  N N 153 
ZTH HXT  H  N N 154 
ZTH H2   H  N N 155 
# 
loop_
_chem_comp_bond.comp_id 
_chem_comp_bond.atom_id_1 
_chem_comp_bond.atom_id_2 
_chem_comp_bond.value_order 
_chem_comp_bond.pdbx_aromatic_flag 
_chem_comp_bond.pdbx_stereo_config 
_chem_comp_bond.pdbx_ordinal 
HOH O   H1   sing N N 1   
HOH O   H2   sing N N 2   
ZAD O2P P    sing N N 3   
ZAD P   O1P  doub N N 4   
ZAD P   O3G  sing N N 5   
ZAD P   OXT  sing N N 6   
ZAD O3G C3G  sing N N 7   
ZAD C3G C2G  sing N N 8   
ZAD C2G O2G  sing N N 9   
ZAD C2G C1G  sing N N 10  
ZAD C1G N9   sing N N 11  
ZAD N9  C4   sing Y N 12  
ZAD N9  C8   sing Y N 13  
ZAD C4  N3   sing Y N 14  
ZAD C4  C5   doub Y N 15  
ZAD N3  C2   doub Y N 16  
ZAD C2  N1   sing Y N 17  
ZAD N1  C6   doub Y N 18  
ZAD C6  N6   sing N N 19  
ZAD C6  C5   sing Y N 20  
ZAD C5  N7   sing Y N 21  
ZAD N7  C8   doub Y N 22  
ZAD O2P H2P  sing N N 23  
ZAD OXT HOT  sing N N 24  
ZAD C3G H3G1 sing N N 25  
ZAD C3G H3G2 sing N N 26  
ZAD C2G H2G  sing N N 27  
ZAD O2G HA   sing N N 28  
ZAD C1G H1G1 sing N N 29  
ZAD C1G H1G2 sing N N 30  
ZAD C8  H8   sing N N 31  
ZAD C2  H2   sing N N 32  
ZAD N6  H6N1 sing N N 33  
ZAD N6  H6N2 sing N N 34  
ZBU O1P P    sing N N 35  
ZBU P   O2P  doub N N 36  
ZBU P   O3G  sing N N 37  
ZBU P   O3P  sing N N 38  
ZBU O3G C3G  sing N N 39  
ZBU C3G C2G  sing N N 40  
ZBU C2G O2G  sing N N 41  
ZBU C2G C1G  sing N N 42  
ZBU C1G N1   sing N N 43  
ZBU N1  C2   sing N N 44  
ZBU N1  C6   sing N N 45  
ZBU C2  O2   doub N N 46  
ZBU C2  N3   sing N N 47  
ZBU N3  C4   sing N N 48  
ZBU C6  C5   doub N N 49  
ZBU C5  BR5  sing N N 50  
ZBU C5  C4   sing N N 51  
ZBU C4  O4   doub N N 52  
ZBU O1P H1P  sing N N 53  
ZBU O3P H3P  sing N N 54  
ZBU C3G H3G1 sing N N 55  
ZBU C3G H3G2 sing N N 56  
ZBU C2G H2G  sing N N 57  
ZBU O2G HA   sing N N 58  
ZBU C1G H1G1 sing N N 59  
ZBU C1G H1G2 sing N N 60  
ZBU C6  H6   sing N N 61  
ZBU N3  H3   sing N N 62  
ZCY O2  C2   doub N N 63  
ZCY C2  N3   sing N N 64  
ZCY C2  N1   sing N N 65  
ZCY N3  C4   doub N N 66  
ZCY C4  N4   sing N N 67  
ZCY C4  C5   sing N N 68  
ZCY C5  C6   doub N N 69  
ZCY C6  N1   sing N N 70  
ZCY N1  C1G  sing N N 71  
ZCY C1G C2G  sing N N 72  
ZCY C2G O2G  sing N N 73  
ZCY C2G C3G  sing N N 74  
ZCY O2G H2G  sing N N 75  
ZCY C3G O3G  sing N N 76  
ZCY O3G P    sing N N 77  
ZCY P   O2P  sing N N 78  
ZCY P   O1P  doub N N 79  
ZCY N4  H4N1 sing N N 80  
ZCY N4  H4N2 sing N N 81  
ZCY C5  H5   sing N N 82  
ZCY C6  H6   sing N N 83  
ZCY C1G H1G1 sing N N 84  
ZCY C1G H1G2 sing N N 85  
ZCY C2G H2   sing N N 86  
ZCY C3G H3G1 sing N N 87  
ZCY C3G H3G2 sing N N 88  
ZCY O2P H2P  sing N N 89  
ZCY P   OXT  sing N N 90  
ZCY OXT HXT  sing N N 91  
ZGU P   O1P  sing N N 92  
ZGU P   O2P  doub N N 93  
ZGU P   O3G  sing N N 94  
ZGU P   OXT  sing N N 95  
ZGU O3G C3G  sing N N 96  
ZGU C3G C2G  sing N N 97  
ZGU C2G O2G  sing N N 98  
ZGU C2G C1G  sing N N 99  
ZGU C1G N9   sing N N 100 
ZGU N9  C8   sing Y N 101 
ZGU N9  C4   sing Y N 102 
ZGU C8  N7   doub Y N 103 
ZGU N7  C5   sing Y N 104 
ZGU C4  C5   doub Y N 105 
ZGU C4  N3   sing N N 106 
ZGU C5  C6   sing N N 107 
ZGU N3  C2   doub N N 108 
ZGU C2  N2   sing N N 109 
ZGU C2  N1   sing N N 110 
ZGU N1  C6   sing N N 111 
ZGU C6  O6   doub N N 112 
ZGU O1P H1P  sing N N 113 
ZGU OXT HOT  sing N N 114 
ZGU C3G H3G1 sing N N 115 
ZGU C3G H3G2 sing N N 116 
ZGU C2G H2G  sing N N 117 
ZGU O2G HA   sing N N 118 
ZGU C1G H1G1 sing N N 119 
ZGU C1G H1G2 sing N N 120 
ZGU C8  H8   sing N N 121 
ZGU N2  H2N1 sing N N 122 
ZGU N2  H2N2 sing N N 123 
ZGU N1  H1   sing N N 124 
ZTH O4  C4   doub N N 125 
ZTH C4  N3   sing N N 126 
ZTH C4  C5   sing N N 127 
ZTH N3  C2   sing N N 128 
ZTH C2  O2   doub N N 129 
ZTH C2  N1   sing N N 130 
ZTH C5  C5M  sing N N 131 
ZTH C5  C6   doub N N 132 
ZTH C6  N1   sing N N 133 
ZTH N1  C1G  sing N N 134 
ZTH C1G C2G  sing N N 135 
ZTH C2G O2G  sing N N 136 
ZTH C2G C3G  sing N N 137 
ZTH P   OXT  sing N N 138 
ZTH C3G O3G  sing N N 139 
ZTH O3G P    sing N N 140 
ZTH P   O1P  sing N N 141 
ZTH P   O2P  doub N N 142 
ZTH N3  H3   sing N N 143 
ZTH C5M H5M1 sing N N 144 
ZTH C5M H5M2 sing N N 145 
ZTH C5M H5M3 sing N N 146 
ZTH C6  H6   sing N N 147 
ZTH C1G H1G1 sing N N 148 
ZTH C1G H1G2 sing N N 149 
ZTH C2G H2G  sing N N 150 
ZTH C3G H3G1 sing N N 151 
ZTH C3G H3G2 sing N N 152 
ZTH O1P H1P  sing N N 153 
ZTH OXT HXT  sing N N 154 
ZTH O2G H2   sing N N 155 
# 
loop_
_ndb_struct_conf_na.entry_id 
_ndb_struct_conf_na.feature 
2XC6 'double helix'         
2XC6 'mismatched base pair' 
# 
loop_
_ndb_struct_na_base_pair.model_number 
_ndb_struct_na_base_pair.i_label_asym_id 
_ndb_struct_na_base_pair.i_label_comp_id 
_ndb_struct_na_base_pair.i_label_seq_id 
_ndb_struct_na_base_pair.i_symmetry 
_ndb_struct_na_base_pair.j_label_asym_id 
_ndb_struct_na_base_pair.j_label_comp_id 
_ndb_struct_na_base_pair.j_label_seq_id 
_ndb_struct_na_base_pair.j_symmetry 
_ndb_struct_na_base_pair.shear 
_ndb_struct_na_base_pair.stretch 
_ndb_struct_na_base_pair.stagger 
_ndb_struct_na_base_pair.buckle 
_ndb_struct_na_base_pair.propeller 
_ndb_struct_na_base_pair.opening 
_ndb_struct_na_base_pair.pair_number 
_ndb_struct_na_base_pair.pair_name 
_ndb_struct_na_base_pair.i_auth_asym_id 
_ndb_struct_na_base_pair.i_auth_seq_id 
_ndb_struct_na_base_pair.i_PDB_ins_code 
_ndb_struct_na_base_pair.j_auth_asym_id 
_ndb_struct_na_base_pair.j_auth_seq_id 
_ndb_struct_na_base_pair.j_PDB_ins_code 
_ndb_struct_na_base_pair.hbond_type_28 
_ndb_struct_na_base_pair.hbond_type_12 
1 A ZCY 1 1_555 A ZGU 8 15_554 -0.289 -0.007 -0.126 -1.062 -6.768 1.232  1 A_ZCY1:ZGU8_A A 1 ? A 8 ? 19 1 
1 A ZTH 2 1_555 A ZAD 7 15_554 0.109  -0.146 -0.013 1.804  2.748  2.183  2 A_ZTH2:ZAD7_A A 2 ? A 7 ? 20 1 
1 A ZCY 3 1_555 A ZGU 6 15_554 -0.395 -0.197 0.110  -6.380 -3.722 2.036  3 A_ZCY3:ZGU6_A A 3 ? A 6 ? 19 1 
1 A ZBU 4 1_555 A ZAD 5 15_554 0.094  -0.196 0.102  -0.910 -3.976 -2.023 4 A_ZBU4:ZAD5_A A 4 ? A 5 ? 20 1 
1 A ZAD 5 1_555 A ZBU 4 15_554 -0.094 -0.196 0.102  0.910  -3.976 -2.023 5 A_ZAD5:ZBU4_A A 5 ? A 4 ? 20 1 
1 A ZGU 6 1_555 A ZCY 3 15_554 0.395  -0.197 0.110  6.380  -3.722 2.036  6 A_ZGU6:ZCY3_A A 6 ? A 3 ? 19 1 
1 A ZAD 7 1_555 A ZTH 2 15_554 -0.109 -0.146 -0.013 -1.804 2.748  2.183  7 A_ZAD7:ZTH2_A A 7 ? A 2 ? 20 1 
1 A ZGU 8 1_555 A ZCY 1 15_554 0.289  -0.007 -0.126 1.062  -6.768 1.232  8 A_ZGU8:ZCY1_A A 8 ? A 1 ? 19 1 
# 
loop_
_ndb_struct_na_base_pair_step.model_number 
_ndb_struct_na_base_pair_step.i_label_asym_id_1 
_ndb_struct_na_base_pair_step.i_label_comp_id_1 
_ndb_struct_na_base_pair_step.i_label_seq_id_1 
_ndb_struct_na_base_pair_step.i_symmetry_1 
_ndb_struct_na_base_pair_step.j_label_asym_id_1 
_ndb_struct_na_base_pair_step.j_label_comp_id_1 
_ndb_struct_na_base_pair_step.j_label_seq_id_1 
_ndb_struct_na_base_pair_step.j_symmetry_1 
_ndb_struct_na_base_pair_step.i_label_asym_id_2 
_ndb_struct_na_base_pair_step.i_label_comp_id_2 
_ndb_struct_na_base_pair_step.i_label_seq_id_2 
_ndb_struct_na_base_pair_step.i_symmetry_2 
_ndb_struct_na_base_pair_step.j_label_asym_id_2 
_ndb_struct_na_base_pair_step.j_label_comp_id_2 
_ndb_struct_na_base_pair_step.j_label_seq_id_2 
_ndb_struct_na_base_pair_step.j_symmetry_2 
_ndb_struct_na_base_pair_step.shift 
_ndb_struct_na_base_pair_step.slide 
_ndb_struct_na_base_pair_step.rise 
_ndb_struct_na_base_pair_step.tilt 
_ndb_struct_na_base_pair_step.roll 
_ndb_struct_na_base_pair_step.twist 
_ndb_struct_na_base_pair_step.x_displacement 
_ndb_struct_na_base_pair_step.y_displacement 
_ndb_struct_na_base_pair_step.helical_rise 
_ndb_struct_na_base_pair_step.inclination 
_ndb_struct_na_base_pair_step.tip 
_ndb_struct_na_base_pair_step.helical_twist 
_ndb_struct_na_base_pair_step.step_number 
_ndb_struct_na_base_pair_step.step_name 
_ndb_struct_na_base_pair_step.i_auth_asym_id_1 
_ndb_struct_na_base_pair_step.i_auth_seq_id_1 
_ndb_struct_na_base_pair_step.i_PDB_ins_code_1 
_ndb_struct_na_base_pair_step.j_auth_asym_id_1 
_ndb_struct_na_base_pair_step.j_auth_seq_id_1 
_ndb_struct_na_base_pair_step.j_PDB_ins_code_1 
_ndb_struct_na_base_pair_step.i_auth_asym_id_2 
_ndb_struct_na_base_pair_step.i_auth_seq_id_2 
_ndb_struct_na_base_pair_step.i_PDB_ins_code_2 
_ndb_struct_na_base_pair_step.j_auth_asym_id_2 
_ndb_struct_na_base_pair_step.j_auth_seq_id_2 
_ndb_struct_na_base_pair_step.j_PDB_ins_code_2 
1 A ZCY 1 1_555 A ZGU 8 15_554 A ZTH 2 1_555 A ZAD 7 15_554 -0.142 -3.317 3.223 0.203  1.673 47.314 -4.263  0.193  3.111 2.083  
-0.253 47.343 1 AA_ZCY1ZTH2:ZAD7ZGU8_AA A 1 ? A 8 ? A 2 ? A 7 ? 
1 A ZTH 2 1_555 A ZAD 7 15_554 A ZCY 3 1_555 A ZGU 6 15_554 0.103  -4.416 3.491 -0.941 0.872 22.915 -11.420 -0.605 3.316 2.194  
2.367  22.950 2 AA_ZTH2ZCY3:ZGU6ZAD7_AA A 2 ? A 7 ? A 3 ? A 6 ? 
1 A ZCY 3 1_555 A ZGU 6 15_554 A ZBU 4 1_555 A ZAD 5 15_554 0.042  -3.157 3.072 -0.195 3.999 46.119 -4.322  -0.068 2.804 5.093  
0.248  46.283 3 AA_ZCY3ZBU4:ZAD5ZGU6_AA A 3 ? A 6 ? A 4 ? A 5 ? 
1 A ZBU 4 1_555 A ZAD 5 15_554 A ZAD 5 1_555 A ZBU 4 15_554 0.000  -4.124 3.216 0.000  6.601 26.451 -10.126 0.000  2.142 14.148 
0.000  27.248 4 AA_ZBU4ZAD5:ZBU4ZAD5_AA A 4 ? A 5 ? A 5 ? A 4 ? 
1 A ZAD 5 1_555 A ZBU 4 15_554 A ZGU 6 1_555 A ZCY 3 15_554 -0.042 -3.157 3.072 0.195  3.999 46.119 -4.322  0.068  2.804 5.093  
-0.248 46.283 5 AA_ZAD5ZGU6:ZCY3ZBU4_AA A 5 ? A 4 ? A 6 ? A 3 ? 
1 A ZGU 6 1_555 A ZCY 3 15_554 A ZAD 7 1_555 A ZTH 2 15_554 -0.103 -4.416 3.491 0.941  0.872 22.915 -11.420 0.605  3.316 2.194  
-2.367 22.950 6 AA_ZGU6ZAD7:ZTH2ZCY3_AA A 6 ? A 3 ? A 7 ? A 2 ? 
1 A ZAD 7 1_555 A ZTH 2 15_554 A ZGU 8 1_555 A ZCY 1 15_554 0.142  -3.317 3.223 -0.203 1.673 47.314 -4.263  -0.193 3.111 2.083  
0.253  47.343 7 AA_ZAD7ZGU8:ZCY1ZTH2_AA A 7 ? A 2 ? A 8 ? A 1 ? 
# 
_atom_sites.entry_id                    2XC6 
_atom_sites.fract_transf_matrix[1][1]   0.00177888 
_atom_sites.fract_transf_matrix[1][2]   0.00910056 
_atom_sites.fract_transf_matrix[1][3]   -0.01491793 
_atom_sites.fract_transf_matrix[2][1]   0.01561102 
_atom_sites.fract_transf_matrix[2][2]   -0.00756579 
_atom_sites.fract_transf_matrix[2][3]   -0.00275392 
_atom_sites.fract_transf_matrix[3][1]   -0.01543129 
_atom_sites.fract_transf_matrix[3][2]   -0.02550680 
_atom_sites.fract_transf_matrix[3][3]   -0.01740031 
_atom_sites.fract_transf_vector[1]      0.090491 
_atom_sites.fract_transf_vector[2]      0.110206 
_atom_sites.fract_transf_vector[3]      -0.426332 
# 
loop_
_atom_type.symbol 
BR 
C  
N  
NA 
O  
P  
# 
loop_
_atom_site.group_PDB 
_atom_site.id 
_atom_site.type_symbol 
_atom_site.label_atom_id 
_atom_site.label_alt_id 
_atom_site.label_comp_id 
_atom_site.label_asym_id 
_atom_site.label_entity_id 
_atom_site.label_seq_id 
_atom_site.pdbx_PDB_ins_code 
_atom_site.Cartn_x 
_atom_site.Cartn_y 
_atom_site.Cartn_z 
_atom_site.occupancy 
_atom_site.B_iso_or_equiv 
_atom_site.pdbx_formal_charge 
_atom_site.auth_seq_id 
_atom_site.auth_comp_id 
_atom_site.auth_asym_id 
_atom_site.auth_atom_id 
_atom_site.pdbx_PDB_model_num 
HETATM 1   O  O2  . ZCY A 1 1 ? 10.426  7.411  2.904   0.70 36.08 ? 1    ZCY A O2  1 
HETATM 2   C  C2  . ZCY A 1 1 ? 11.458  7.007  2.323   0.70 36.53 ? 1    ZCY A C2  1 
HETATM 3   N  N3  . ZCY A 1 1 ? 12.223  6.026  2.858   0.70 35.72 ? 1    ZCY A N3  1 
HETATM 4   C  C4  . ZCY A 1 1 ? 13.321  5.578  2.256   0.70 34.67 ? 1    ZCY A C4  1 
HETATM 5   N  N4  . ZCY A 1 1 ? 14.005  4.606  2.869   0.70 33.49 ? 1    ZCY A N4  1 
HETATM 6   C  C5  . ZCY A 1 1 ? 13.753  6.116  1.002   0.70 36.44 ? 1    ZCY A C5  1 
HETATM 7   C  C6  . ZCY A 1 1 ? 13.003  7.092  0.469   0.70 36.70 ? 1    ZCY A C6  1 
HETATM 8   N  N1  . ZCY A 1 1 ? 11.869  7.551  1.100   0.70 36.99 ? 1    ZCY A N1  1 
HETATM 9   C  C1G . ZCY A 1 1 ? 11.079  8.620  0.443   0.70 38.91 ? 1    ZCY A C1G 1 
HETATM 10  C  C2G . ZCY A 1 1 ? 10.076  7.996  -0.520  0.70 40.75 ? 1    ZCY A C2G 1 
HETATM 11  O  O2G . ZCY A 1 1 ? 10.802  7.397  -1.612  0.70 41.90 ? 1    ZCY A O2G 1 
HETATM 12  C  C3G . ZCY A 1 1 ? 9.077   9.042  -1.019  0.70 41.26 ? 1    ZCY A C3G 1 
HETATM 13  O  O3G . ZCY A 1 1 ? 9.760   10.127 -1.651  0.70 41.52 ? 1    ZCY A O3G 1 
HETATM 14  O  O4  . ZTH A 1 2 ? 10.698  0.119  5.715   1.00 32.99 ? 2    ZTH A O4  1 
HETATM 15  C  C4  . ZTH A 1 2 ? 10.850  0.767  4.680   1.00 33.75 ? 2    ZTH A C4  1 
HETATM 16  N  N3  . ZTH A 1 2 ? 10.034  1.845  4.364   1.00 31.96 ? 2    ZTH A N3  1 
HETATM 17  C  C2  . ZTH A 1 2 ? 10.092  2.642  3.253   1.00 32.95 ? 2    ZTH A C2  1 
HETATM 18  O  O2  . ZTH A 1 2 ? 9.314   3.561  3.077   1.00 32.96 ? 2    ZTH A O2  1 
HETATM 19  C  C5  . ZTH A 1 2 ? 11.861  0.465  3.698   1.00 34.65 ? 2    ZTH A C5  1 
HETATM 20  C  C5M . ZTH A 1 2 ? 12.823  -0.669 3.904   1.00 37.76 ? 2    ZTH A C5M 1 
HETATM 21  C  C6  . ZTH A 1 2 ? 11.937  1.237  2.602   1.00 35.18 ? 2    ZTH A C6  1 
HETATM 22  N  N1  . ZTH A 1 2 ? 11.082  2.297  2.350   1.00 34.85 ? 2    ZTH A N1  1 
HETATM 23  C  C1G . ZTH A 1 2 ? 11.256  3.097  1.106   1.00 37.60 ? 2    ZTH A C1G 1 
HETATM 24  C  C2G . ZTH A 1 2 ? 10.321  2.735  -0.034  1.00 39.16 ? 2    ZTH A C2G 1 
HETATM 25  O  O2G . ZTH A 1 2 ? 10.524  1.352  -0.349  1.00 38.66 ? 2    ZTH A O2G 1 
HETATM 26  C  C3G . ZTH A 1 2 ? 10.649  3.607  -1.249  1.00 41.31 ? 2    ZTH A C3G 1 
HETATM 27  O  O3G . ZTH A 1 2 ? 10.292  4.982  -1.020  1.00 43.38 ? 2    ZTH A O3G 1 
HETATM 28  P  P   . ZTH A 1 2 ? 10.347  6.008  -2.254  1.00 45.41 ? 2    ZTH A P   1 
HETATM 29  O  O1P . ZTH A 1 2 ? 11.031  5.362  -3.425  0.50 41.98 ? 2    ZTH A O1P 1 
HETATM 30  O  O2P . ZTH A 1 2 ? 8.848   5.897  -2.190  0.50 42.17 ? 2    ZTH A O2P 1 
HETATM 31  O  O2  . ZCY A 1 3 ? 5.006   1.482  4.146   1.00 26.09 ? 3    ZCY A O2  1 
HETATM 32  C  C2  . ZCY A 1 3 ? 5.479   0.595  4.860   1.00 26.81 ? 3    ZCY A C2  1 
HETATM 33  N  N3  . ZCY A 1 3 ? 4.922   0.204  6.030   1.00 27.03 ? 3    ZCY A N3  1 
HETATM 34  C  C4  . ZCY A 1 3 ? 5.458   -0.779 6.762   1.00 29.21 ? 3    ZCY A C4  1 
HETATM 35  N  N4  . ZCY A 1 3 ? 4.866   -1.126 7.914   1.00 29.83 ? 3    ZCY A N4  1 
HETATM 36  C  C5  . ZCY A 1 3 ? 6.634   -1.437 6.332   1.00 29.41 ? 3    ZCY A C5  1 
HETATM 37  C  C6  . ZCY A 1 3 ? 7.186   -1.052 5.170   1.00 28.43 ? 3    ZCY A C6  1 
HETATM 38  N  N1  . ZCY A 1 3 ? 6.634   -0.048 4.419   1.00 26.74 ? 3    ZCY A N1  1 
HETATM 39  C  C1G . ZCY A 1 3 ? 7.261   0.372  3.145   1.00 27.57 ? 3    ZCY A C1G 1 
HETATM 40  C  C2G . ZCY A 1 3 ? 6.672   -0.354 1.951   1.00 30.02 ? 3    ZCY A C2G 1 
HETATM 41  O  O2G . ZCY A 1 3 ? 7.090   -1.712 2.080   1.00 29.37 ? 3    ZCY A O2G 1 
HETATM 42  C  C3G . ZCY A 1 3 ? 7.144   0.283  0.649   1.00 34.51 ? 3    ZCY A C3G 1 
HETATM 43  O  O3G . ZCY A 1 3 ? 8.563   0.246  0.572   1.00 34.99 ? 3    ZCY A O3G 1 
HETATM 44  P  P   . ZCY A 1 3 ? 9.303   0.472  -0.829  1.00 38.28 ? 3    ZCY A P   1 
HETATM 45  O  O2P . ZCY A 1 3 ? 9.846   -0.833 -1.331  1.00 40.66 ? 3    ZCY A O2P 1 
HETATM 46  O  O1P . ZCY A 1 3 ? 8.394   1.315  -1.686  1.00 39.70 ? 3    ZCY A O1P 1 
HETATM 47  O  O1P . ZBU A 1 4 ? 6.797   -4.291 1.589   1.00 37.66 ? 4    ZBU A O1P 1 
HETATM 48  P  P   . ZBU A 1 4 ? 6.215   -2.904 1.511   1.00 37.23 ? 4    ZBU A P   1 
HETATM 49  O  O2P . ZBU A 1 4 ? 5.535   -2.480 0.238   1.00 38.02 ? 4    ZBU A O2P 1 
HETATM 50  O  O3G . ZBU A 1 4 ? 4.965   -2.786 2.481   1.00 32.88 ? 4    ZBU A O3G 1 
HETATM 51  C  C3G . ZBU A 1 4 ? 4.414   -3.932 3.090   1.00 32.67 ? 4    ZBU A C3G 1 
HETATM 52  C  C2G . ZBU A 1 4 ? 3.112   -3.515 3.759   1.00 30.32 ? 4    ZBU A C2G 1 
HETATM 53  O  O2G . ZBU A 1 4 ? 2.477   -4.671 4.289   1.00 32.12 ? 4    ZBU A O2G 1 
HETATM 54  C  C1G . ZBU A 1 4 ? 3.437   -2.533 4.884   1.00 29.77 ? 4    ZBU A C1G 1 
HETATM 55  N  N1  . ZBU A 1 4 ? 2.224   -2.041 5.649   1.00 29.17 ? 4    ZBU A N1  1 
HETATM 56  C  C2  . ZBU A 1 4 ? 1.494   -0.949 5.259   1.00 28.21 ? 4    ZBU A C2  1 
HETATM 57  O  O2  . ZBU A 1 4 ? 1.682   -0.320 4.268   1.00 26.22 ? 4    ZBU A O2  1 
HETATM 58  N  N3  . ZBU A 1 4 ? 0.428   -0.619 6.079   1.00 29.51 ? 4    ZBU A N3  1 
HETATM 59  C  C6  . ZBU A 1 4 ? 1.927   -2.689 6.799   1.00 32.68 ? 4    ZBU A C6  1 
HETATM 60  C  C5  . ZBU A 1 4 ? 0.906   -2.348 7.572   1.00 34.26 ? 4    ZBU A C5  1 
HETATM 61  BR BR5 . ZBU A 1 4 ? 0.596   -3.356 9.097   0.60 40.71 ? 4    ZBU A BR5 1 
HETATM 62  C  C4  . ZBU A 1 4 ? 0.065   -1.244 7.232   1.00 31.10 ? 4    ZBU A C4  1 
HETATM 63  O  O4  . ZBU A 1 4 ? -0.895  -0.851 7.886   1.00 33.19 ? 4    ZBU A O4  1 
HETATM 64  O  O2P . ZAD A 1 5 ? 1.393   -6.603 4.233   1.00 41.85 ? 5    ZAD A O2P 1 
HETATM 65  P  P   . ZAD A 1 5 ? 1.425   -5.404 3.329   1.00 37.53 ? 5    ZAD A P   1 
HETATM 66  O  O1P . ZAD A 1 5 ? 1.957   -5.536 1.928   1.00 35.50 ? 5    ZAD A O1P 1 
HETATM 67  O  O3G . ZAD A 1 5 ? 0.224   -4.388 3.559   1.00 34.88 ? 5    ZAD A O3G 1 
HETATM 68  C  C3G . ZAD A 1 5 ? -0.459  -3.917 2.389   1.00 33.54 ? 5    ZAD A C3G 1 
HETATM 69  C  C2G . ZAD A 1 5 ? -1.734  -3.195 2.808   1.00 29.74 ? 5    ZAD A C2G 1 
HETATM 70  O  O2G . ZAD A 1 5 ? -2.534  -4.098 3.588   1.00 28.86 ? 5    ZAD A O2G 1 
HETATM 71  C  C1G . ZAD A 1 5 ? -1.399  -1.992 3.675   1.00 28.49 ? 5    ZAD A C1G 1 
HETATM 72  N  N9  . ZAD A 1 5 ? -2.568  -1.187 3.931   1.00 26.60 ? 5    ZAD A N9  1 
HETATM 73  C  C4  . ZAD A 1 5 ? -2.965  -0.085 3.254   1.00 25.62 ? 5    ZAD A C4  1 
HETATM 74  N  N3  . ZAD A 1 5 ? -2.360  0.471  2.179   1.00 24.79 ? 5    ZAD A N3  1 
HETATM 75  C  C2  . ZAD A 1 5 ? -3.052  1.545  1.791   1.00 23.38 ? 5    ZAD A C2  1 
HETATM 76  N  N1  . ZAD A 1 5 ? -4.186  2.068  2.281   1.00 25.17 ? 5    ZAD A N1  1 
HETATM 77  C  C6  . ZAD A 1 5 ? -4.750  1.436  3.357   1.00 25.13 ? 5    ZAD A C6  1 
HETATM 78  N  N6  . ZAD A 1 5 ? -5.862  1.899  3.890   1.00 24.55 ? 5    ZAD A N6  1 
HETATM 79  C  C5  . ZAD A 1 5 ? -4.109  0.305  3.877   1.00 24.78 ? 5    ZAD A C5  1 
HETATM 80  N  N7  . ZAD A 1 5 ? -4.437  -0.534 4.947   1.00 24.65 ? 5    ZAD A N7  1 
HETATM 81  C  C8  . ZAD A 1 5 ? -3.471  -1.387 4.934   1.00 26.53 ? 5    ZAD A C8  1 
HETATM 82  P  P   . ZGU A 1 6 ? -3.743  -4.927 2.953   1.00 29.08 ? 6    ZGU A P   1 
HETATM 83  O  O1P . ZGU A 1 6 ? -4.325  -5.692 4.103   1.00 28.50 ? 6    ZGU A O1P 1 
HETATM 84  O  O2P . ZGU A 1 6 ? -3.310  -5.752 1.793   1.00 28.19 ? 6    ZGU A O2P 1 
HETATM 85  O  O3G . ZGU A 1 6 ? -4.834  -3.790 2.663   1.00 24.67 ? 6    ZGU A O3G 1 
HETATM 86  C  C3G . ZGU A 1 6 ? -6.087  -4.099 2.081   1.00 21.46 ? 6    ZGU A C3G 1 
HETATM 87  C  C2G . ZGU A 1 6 ? -6.575  -2.886 1.280   1.00 22.46 ? 6    ZGU A C2G 1 
HETATM 88  O  O2G . ZGU A 1 6 ? -7.965  -3.022 1.066   1.00 22.54 ? 6    ZGU A O2G 1 
HETATM 89  C  C1G . ZGU A 1 6 ? -6.326  -1.601 2.062   1.00 24.47 ? 6    ZGU A C1G 1 
HETATM 90  N  N9  . ZGU A 1 6 ? -6.927  -0.429 1.456   1.00 25.79 ? 6    ZGU A N9  1 
HETATM 91  C  C8  . ZGU A 1 6 ? -8.125  0.184  1.743   1.00 24.41 ? 6    ZGU A C8  1 
HETATM 92  N  N7  . ZGU A 1 6 ? -8.365  1.227  1.005   1.00 25.59 ? 6    ZGU A N7  1 
HETATM 93  C  C4  . ZGU A 1 6 ? -6.341  0.307  0.473   1.00 23.20 ? 6    ZGU A C4  1 
HETATM 94  C  C5  . ZGU A 1 6 ? -7.233  1.316  0.210   1.00 23.46 ? 6    ZGU A C5  1 
HETATM 95  N  N3  . ZGU A 1 6 ? -5.156  0.039  -0.104  1.00 22.06 ? 6    ZGU A N3  1 
HETATM 96  C  C2  . ZGU A 1 6 ? -4.824  0.945  -1.002  1.00 24.92 ? 6    ZGU A C2  1 
HETATM 97  N  N2  . ZGU A 1 6 ? -3.658  0.843  -1.687  1.00 24.04 ? 6    ZGU A N2  1 
HETATM 98  N  N1  . ZGU A 1 6 ? -5.653  1.998  -1.335  1.00 21.84 ? 6    ZGU A N1  1 
HETATM 99  C  C6  . ZGU A 1 6 ? -6.898  2.267  -0.762  1.00 24.73 ? 6    ZGU A C6  1 
HETATM 100 O  O6  . ZGU A 1 6 ? -7.573  3.231  -1.142  1.00 25.77 ? 6    ZGU A O6  1 
HETATM 101 O  O2P . ZAD A 1 7 ? -9.995  -3.644 -0.130  1.00 24.44 ? 7    ZAD A O2P 1 
HETATM 102 P  P   . ZAD A 1 7 ? -8.504  -3.658 -0.280  1.00 22.85 ? 7    ZAD A P   1 
HETATM 103 O  O1P . ZAD A 1 7 ? -7.859  -5.015 -0.455  1.00 23.28 ? 7    ZAD A O1P 1 
HETATM 104 O  O3G . ZAD A 1 7 ? -8.003  -2.548 -1.306  1.00 23.19 ? 7    ZAD A O3G 1 
HETATM 105 C  C3G . ZAD A 1 7 ? -7.776  -2.903 -2.673  1.00 25.38 ? 7    ZAD A C3G 1 
HETATM 106 C  C2G . ZAD A 1 7 ? -8.028  -1.680 -3.536  1.00 22.89 ? 7    ZAD A C2G 1 
HETATM 107 O  O2G . ZAD A 1 7 ? -9.419  -1.466 -3.606  1.00 27.49 ? 7    ZAD A O2G 1 
HETATM 108 C  C1G . ZAD A 1 7 ? -7.417  -0.442 -2.888  1.00 23.49 ? 7    ZAD A C1G 1 
HETATM 109 N  N9  . ZAD A 1 7 ? -7.550  0.643  -3.846  1.00 25.41 ? 7    ZAD A N9  1 
HETATM 110 C  C4  . ZAD A 1 7 ? -6.612  0.944  -4.765  1.00 24.17 ? 7    ZAD A C4  1 
HETATM 111 N  N3  . ZAD A 1 7 ? -5.422  0.357  -4.952  1.00 24.27 ? 7    ZAD A N3  1 
HETATM 112 C  C2  . ZAD A 1 7 ? -4.766  0.930  -5.959  1.00 28.14 ? 7    ZAD A C2  1 
HETATM 113 N  N1  . ZAD A 1 7 ? -5.154  1.957  -6.726  1.00 27.93 ? 7    ZAD A N1  1 
HETATM 114 C  C6  . ZAD A 1 7 ? -6.361  2.522  -6.481  1.00 27.18 ? 7    ZAD A C6  1 
HETATM 115 N  N6  . ZAD A 1 7 ? -6.812  3.531  -7.214  1.00 27.43 ? 7    ZAD A N6  1 
HETATM 116 C  C5  . ZAD A 1 7 ? -7.147  2.004  -5.463  1.00 26.88 ? 7    ZAD A C5  1 
HETATM 117 N  N7  . ZAD A 1 7 ? -8.400  2.349  -4.998  1.00 28.05 ? 7    ZAD A N7  1 
HETATM 118 C  C8  . ZAD A 1 7 ? -8.588  1.497  -4.012  1.00 27.15 ? 7    ZAD A C8  1 
HETATM 119 P  P   . ZGU A 1 8 ? -10.328 -2.124 -4.745  1.00 31.50 ? 8    ZGU A P   1 
HETATM 120 O  O1P . ZGU A 1 8 ? -11.646 -1.476 -4.420  1.00 34.39 ? 8    ZGU A O1P 1 
HETATM 121 O  O2P . ZGU A 1 8 ? -10.255 -3.607 -4.783  1.00 29.36 ? 8    ZGU A O2P 1 
HETATM 122 O  O3G . ZGU A 1 8 ? -9.721  -1.346 -5.990  1.00 34.31 ? 8    ZGU A O3G 1 
HETATM 123 C  C3G . ZGU A 1 8 ? -10.283 -1.634 -7.242  1.00 34.94 ? 8    ZGU A C3G 1 
HETATM 124 C  C2G . ZGU A 1 8 ? -9.393  -1.051 -8.328  1.00 33.59 ? 8    ZGU A C2G 1 
HETATM 125 O  O2G . ZGU A 1 8 ? -10.218 -0.943 -9.470  1.00 36.00 ? 8    ZGU A O2G 1 
HETATM 126 C  C1G . ZGU A 1 8 ? -8.787  0.300  -7.932  1.00 32.49 ? 8    ZGU A C1G 1 
HETATM 127 N  N9  . ZGU A 1 8 ? -7.893  0.861  -8.942  1.00 31.34 ? 8    ZGU A N9  1 
HETATM 128 C  C8  . ZGU A 1 8 ? -8.092  1.930  -9.774  1.00 31.87 ? 8    ZGU A C8  1 
HETATM 129 N  N7  . ZGU A 1 8 ? -7.079  2.182  -10.577 1.00 29.97 ? 8    ZGU A N7  1 
HETATM 130 C  C4  . ZGU A 1 8 ? -6.650  0.394  -9.263  1.00 31.36 ? 8    ZGU A C4  1 
HETATM 131 C  C5  . ZGU A 1 8 ? -6.149  1.202  -10.259 1.00 30.56 ? 8    ZGU A C5  1 
HETATM 132 N  N3  . ZGU A 1 8 ? -6.091  -0.669 -8.667  1.00 31.47 ? 8    ZGU A N3  1 
HETATM 133 C  C2  . ZGU A 1 8 ? -4.888  -0.921 -9.140  1.00 31.72 ? 8    ZGU A C2  1 
HETATM 134 N  N2  . ZGU A 1 8 ? -4.241  -1.967 -8.599  1.00 35.30 ? 8    ZGU A N2  1 
HETATM 135 N  N1  . ZGU A 1 8 ? -4.281  -0.201 -10.144 1.00 31.90 ? 8    ZGU A N1  1 
HETATM 136 C  C6  . ZGU A 1 8 ? -4.850  0.913  -10.782 1.00 31.06 ? 8    ZGU A C6  1 
HETATM 137 O  O6  . ZGU A 1 8 ? -4.216  1.511  -11.665 1.00 30.56 ? 8    ZGU A O6  1 
HETATM 138 NA NA  . NA  B 2 . ? -1.847  -7.851 6.694   1.00 53.04 ? 1001 NA  A NA  1 
HETATM 139 NA NA  . NA  C 2 . ? 4.645   -4.631 -2.278  0.50 58.19 ? 1002 NA  A NA  1 
HETATM 140 O  O   . HOH D 3 . ? 0.797   -3.414 -1.770  1.00 71.01 ? 2001 HOH A O   1 
HETATM 141 O  O   . HOH D 3 . ? 11.274  10.450 -5.150  0.50 58.03 ? 2002 HOH A O   1 
HETATM 142 O  O   . HOH D 3 . ? 7.337   4.889  1.893   1.00 39.64 ? 2003 HOH A O   1 
HETATM 143 O  O   . HOH D 3 . ? -7.229  -9.363 -1.360  1.00 50.42 ? 2004 HOH A O   1 
HETATM 144 O  O   . HOH D 3 . ? 4.545   -3.214 10.678  1.00 55.93 ? 2005 HOH A O   1 
HETATM 145 O  O   . HOH D 3 . ? 2.265   0.808  1.740   1.00 48.45 ? 2006 HOH A O   1 
HETATM 146 O  O   . HOH D 3 . ? -1.449  -0.280 10.630  1.00 36.87 ? 2007 HOH A O   1 
HETATM 147 O  O   . HOH D 3 . ? 6.758   -7.658 3.282   0.50 35.59 ? 2008 HOH A O   1 
HETATM 148 O  O   . HOH D 3 . ? 3.318   -5.667 8.000   1.00 64.77 ? 2009 HOH A O   1 
HETATM 149 O  O   . HOH D 3 . ? -0.142  0.083  0.686   0.50 26.32 ? 2010 HOH A O   1 
HETATM 150 O  O   . HOH D 3 . ? -0.568  -1.222 -0.523  0.50 37.51 ? 2011 HOH A O   1 
HETATM 151 O  O   . HOH D 3 . ? -10.088 3.846  -0.951  1.00 46.04 ? 2012 HOH A O   1 
HETATM 152 O  O   . HOH D 3 . ? -8.171  -7.294 0.914   1.00 32.21 ? 2013 HOH A O   1 
HETATM 153 O  O   . HOH D 3 . ? -4.367  -1.889 -4.033  1.00 30.03 ? 2014 HOH A O   1 
HETATM 154 O  O   . HOH D 3 . ? -11.428 -1.489 0.078   1.00 40.20 ? 2015 HOH A O   1 
HETATM 155 O  O   . HOH D 3 . ? -9.724  4.834  -7.766  1.00 49.30 ? 2016 HOH A O   1 
HETATM 156 O  O   . HOH D 3 . ? -5.909  -6.088 -1.951  1.00 41.82 ? 2017 HOH A O   1 
HETATM 157 O  O   . HOH D 3 . ? -5.435  -3.354 -6.112  1.00 53.20 ? 2018 HOH A O   1 
HETATM 158 O  O   . HOH D 3 . ? -3.879  3.121  -13.979 1.00 37.57 ? 2019 HOH A O   1 
HETATM 159 O  O   . HOH D 3 . ? -11.814 1.817  -10.302 0.50 38.50 ? 2020 HOH A O   1 
HETATM 160 O  O   . HOH D 3 . ? -15.860 -0.696 -2.733  1.00 66.33 ? 2021 HOH A O   1 
# 
